data_5T3U
#
_entry.id   5T3U
#
_cell.length_a   100.202
_cell.length_b   100.202
_cell.length_c   192.986
_cell.angle_alpha   90.00
_cell.angle_beta   90.00
_cell.angle_gamma   90.00
#
_symmetry.space_group_name_H-M   'I 41 2 2'
#
loop_
_entity.id
_entity.type
_entity.pdbx_description
1 polymer 'PTS system, IIA component'
2 non-polymer 'POLYETHYLENE GLYCOL (N=34)'
3 water water
#
_entity_poly.entity_id   1
_entity_poly.type   'polypeptide(L)'
_entity_poly.pdbx_seq_one_letter_code
;GSHMASFNRGILVASHGNFASGALMTAEMFVGETTNDRVRTLGLMPGENIVEFEHYFKNQVDELLDSNQEVIVLTDLIGG
SPNNVALSRFLNLDSVDIVTGFNIPLLVELISSYDSKINLEEIVHNAQNSLFNVKQQLNVEEEEDLCL
;
_entity_poly.pdbx_strand_id   A,B
#
# COMPACT_ATOMS: atom_id res chain seq x y z
N MET A 4 -25.50 10.56 -9.28
CA MET A 4 -24.79 9.46 -10.01
C MET A 4 -25.40 8.06 -9.69
N ALA A 5 -25.21 7.12 -10.60
CA ALA A 5 -25.72 5.74 -10.45
C ALA A 5 -25.03 4.97 -9.29
N SER A 6 -25.82 4.38 -8.38
CA SER A 6 -25.31 3.34 -7.45
C SER A 6 -25.96 2.04 -7.88
N PHE A 7 -25.13 1.22 -8.53
CA PHE A 7 -25.50 -0.13 -8.92
C PHE A 7 -25.44 -1.09 -7.72
N ASN A 8 -25.86 -2.32 -7.93
CA ASN A 8 -25.96 -3.27 -6.83
C ASN A 8 -24.59 -3.67 -6.26
N ARG A 9 -23.64 -4.00 -7.14
CA ARG A 9 -22.49 -4.82 -6.75
C ARG A 9 -21.34 -4.59 -7.72
N GLY A 10 -20.19 -4.19 -7.19
CA GLY A 10 -18.93 -4.11 -7.94
C GLY A 10 -18.02 -5.30 -7.63
N ILE A 11 -17.02 -5.53 -8.46
CA ILE A 11 -16.17 -6.70 -8.25
C ILE A 11 -14.75 -6.26 -8.38
N LEU A 12 -13.94 -6.55 -7.37
CA LEU A 12 -12.51 -6.37 -7.53
C LEU A 12 -11.84 -7.75 -7.55
N VAL A 13 -11.04 -8.00 -8.59
CA VAL A 13 -10.35 -9.29 -8.69
C VAL A 13 -8.91 -8.98 -8.41
N ALA A 14 -8.35 -9.58 -7.37
CA ALA A 14 -6.98 -9.24 -6.97
C ALA A 14 -6.09 -10.46 -6.78
N SER A 15 -4.82 -10.39 -7.17
CA SER A 15 -3.94 -11.53 -6.99
C SER A 15 -2.48 -11.08 -6.99
N HIS A 16 -1.58 -11.93 -6.53
CA HIS A 16 -0.18 -11.81 -6.99
C HIS A 16 -0.15 -12.03 -8.51
N GLY A 17 0.71 -11.30 -9.22
CA GLY A 17 0.85 -11.49 -10.66
C GLY A 17 -0.39 -11.28 -11.50
N ASN A 18 -0.38 -11.90 -12.68
CA ASN A 18 -1.33 -11.69 -13.75
C ASN A 18 -2.60 -12.57 -13.66
N PHE A 19 -2.74 -13.38 -12.62
CA PHE A 19 -3.96 -14.23 -12.47
C PHE A 19 -5.27 -13.45 -12.61
N ALA A 20 -5.38 -12.33 -11.87
CA ALA A 20 -6.55 -11.47 -11.85
C ALA A 20 -6.91 -10.85 -13.18
N SER A 21 -5.97 -10.17 -13.84
CA SER A 21 -6.30 -9.56 -15.13
C SER A 21 -6.62 -10.65 -16.19
N GLY A 22 -5.88 -11.74 -16.16
CA GLY A 22 -6.13 -12.83 -17.09
C GLY A 22 -7.49 -13.47 -16.87
N ALA A 23 -7.88 -13.63 -15.60
CA ALA A 23 -9.25 -14.10 -15.30
C ALA A 23 -10.34 -13.17 -15.82
N LEU A 24 -10.15 -11.86 -15.70
CA LEU A 24 -11.19 -10.95 -16.21
C LEU A 24 -11.30 -11.02 -17.71
N MET A 25 -10.15 -10.98 -18.40
CA MET A 25 -10.07 -11.07 -19.87
C MET A 25 -10.86 -12.30 -20.33
N THR A 26 -10.59 -13.44 -19.72
CA THR A 26 -11.27 -14.70 -20.05
C THR A 26 -12.76 -14.62 -19.72
N ALA A 27 -13.11 -14.07 -18.55
CA ALA A 27 -14.51 -13.95 -18.18
C ALA A 27 -15.29 -13.11 -19.20
N GLU A 28 -14.63 -12.07 -19.75
CA GLU A 28 -15.27 -11.18 -20.72
C GLU A 28 -15.54 -11.87 -22.05
N MET A 29 -14.80 -12.96 -22.32
CA MET A 29 -15.06 -13.76 -23.52
C MET A 29 -16.41 -14.44 -23.39
N PHE A 30 -16.87 -14.64 -22.16
CA PHE A 30 -18.17 -15.24 -21.92
C PHE A 30 -19.29 -14.24 -21.69
N VAL A 31 -19.03 -13.17 -20.94
CA VAL A 31 -20.09 -12.27 -20.49
C VAL A 31 -20.03 -10.87 -21.13
N GLY A 32 -19.07 -10.65 -22.01
CA GLY A 32 -18.89 -9.34 -22.67
C GLY A 32 -18.01 -8.40 -21.84
N GLU A 33 -17.55 -7.35 -22.52
CA GLU A 33 -16.61 -6.39 -21.95
C GLU A 33 -17.21 -5.69 -20.71
N THR A 34 -16.45 -5.53 -19.64
CA THR A 34 -16.96 -4.81 -18.46
C THR A 34 -16.36 -3.40 -18.43
N THR A 35 -16.89 -2.54 -17.56
CA THR A 35 -16.30 -1.21 -17.33
C THR A 35 -15.82 -1.03 -15.87
N ASN A 36 -14.96 -0.04 -15.73
CA ASN A 36 -14.24 0.34 -14.51
C ASN A 36 -15.10 0.74 -13.29
N ASP A 37 -16.31 1.22 -13.52
CA ASP A 37 -17.19 1.53 -12.41
C ASP A 37 -17.88 0.27 -11.87
N ARG A 38 -17.70 -0.89 -12.51
CA ARG A 38 -18.33 -2.14 -12.02
C ARG A 38 -17.31 -3.24 -11.67
N VAL A 39 -16.22 -3.33 -12.43
CA VAL A 39 -15.23 -4.39 -12.27
C VAL A 39 -13.85 -3.86 -12.46
N ARG A 40 -12.96 -4.27 -11.55
CA ARG A 40 -11.54 -3.89 -11.61
C ARG A 40 -10.65 -5.05 -11.27
N THR A 41 -9.39 -4.99 -11.72
CA THR A 41 -8.42 -5.96 -11.26
C THR A 41 -7.21 -5.28 -10.64
N LEU A 42 -6.48 -6.03 -9.81
CA LEU A 42 -5.21 -5.52 -9.28
C LEU A 42 -4.25 -6.69 -9.12
N GLY A 43 -3.03 -6.54 -9.65
CA GLY A 43 -2.00 -7.55 -9.47
C GLY A 43 -0.83 -7.01 -8.67
N LEU A 44 -0.37 -7.80 -7.69
CA LEU A 44 0.84 -7.50 -6.96
C LEU A 44 2.01 -8.11 -7.72
N MET A 45 2.75 -7.26 -8.41
CA MET A 45 3.77 -7.70 -9.36
C MET A 45 5.10 -8.02 -8.67
N PRO A 46 5.94 -8.88 -9.32
CA PRO A 46 7.32 -9.09 -8.86
C PRO A 46 8.02 -7.75 -8.69
N GLY A 47 8.73 -7.55 -7.57
CA GLY A 47 9.43 -6.29 -7.35
C GLY A 47 8.61 -5.16 -6.68
N GLU A 48 7.28 -5.35 -6.54
CA GLU A 48 6.43 -4.38 -5.85
C GLU A 48 6.30 -4.77 -4.39
N ASN A 49 6.27 -3.79 -3.49
CA ASN A 49 6.15 -4.10 -2.05
C ASN A 49 4.70 -3.92 -1.60
N ILE A 50 4.35 -4.48 -0.45
CA ILE A 50 2.99 -4.41 0.06
C ILE A 50 2.58 -3.01 0.55
N VAL A 51 3.54 -2.09 0.61
CA VAL A 51 3.25 -0.73 1.13
C VAL A 51 2.57 0.05 0.03
N GLU A 52 3.16 0.06 -1.17
CA GLU A 52 2.51 0.68 -2.33
C GLU A 52 1.21 -0.05 -2.75
N PHE A 53 1.26 -1.38 -2.75
CA PHE A 53 0.13 -2.21 -3.17
C PHE A 53 -1.13 -1.96 -2.30
N GLU A 54 -0.91 -1.96 -0.99
CA GLU A 54 -1.91 -1.71 0.03
C GLU A 54 -2.84 -0.51 -0.26
N HIS A 55 -2.29 0.63 -0.64
CA HIS A 55 -3.18 1.76 -0.84
C HIS A 55 -3.86 1.79 -2.20
N TYR A 56 -3.20 1.20 -3.20
CA TYR A 56 -3.84 0.95 -4.49
C TYR A 56 -5.06 0.11 -4.31
N PHE A 57 -4.89 -0.96 -3.54
CA PHE A 57 -5.98 -1.87 -3.16
C PHE A 57 -7.15 -1.15 -2.47
N LYS A 58 -6.82 -0.40 -1.41
CA LYS A 58 -7.80 0.36 -0.67
C LYS A 58 -8.57 1.28 -1.60
N ASN A 59 -7.84 2.01 -2.43
CA ASN A 59 -8.42 2.92 -3.41
C ASN A 59 -9.35 2.26 -4.42
N GLN A 60 -8.99 1.07 -4.92
CA GLN A 60 -9.89 0.31 -5.83
C GLN A 60 -11.21 -0.05 -5.16
N VAL A 61 -11.17 -0.51 -3.90
CA VAL A 61 -12.42 -0.88 -3.22
C VAL A 61 -13.29 0.37 -2.93
N ASP A 62 -12.65 1.43 -2.40
CA ASP A 62 -13.35 2.69 -2.10
C ASP A 62 -14.04 3.26 -3.33
N GLU A 63 -13.31 3.32 -4.44
CA GLU A 63 -13.88 3.85 -5.67
C GLU A 63 -15.02 3.03 -6.26
N LEU A 64 -14.96 1.71 -6.06
CA LEU A 64 -16.02 0.84 -6.51
C LEU A 64 -17.24 1.11 -5.63
N LEU A 65 -17.03 1.38 -4.35
CA LEU A 65 -18.15 1.73 -3.45
C LEU A 65 -18.85 3.06 -3.75
N ASP A 66 -18.19 3.94 -4.52
CA ASP A 66 -18.84 5.17 -4.95
C ASP A 66 -19.95 4.90 -5.94
N SER A 67 -19.86 3.75 -6.63
CA SER A 67 -20.75 3.40 -7.76
C SER A 67 -21.56 2.14 -7.54
N ASN A 68 -21.33 1.46 -6.43
CA ASN A 68 -22.00 0.19 -6.20
C ASN A 68 -22.35 0.16 -4.74
N GLN A 69 -23.45 -0.46 -4.38
CA GLN A 69 -23.82 -0.58 -2.96
C GLN A 69 -22.92 -1.54 -2.16
N GLU A 70 -22.50 -2.63 -2.81
CA GLU A 70 -21.58 -3.59 -2.23
C GLU A 70 -20.42 -3.88 -3.17
N VAL A 71 -19.34 -4.46 -2.63
CA VAL A 71 -18.23 -4.95 -3.44
C VAL A 71 -17.85 -6.38 -3.00
N ILE A 72 -17.67 -7.27 -3.98
CA ILE A 72 -17.03 -8.56 -3.72
C ILE A 72 -15.59 -8.47 -4.20
N VAL A 73 -14.68 -8.74 -3.27
CA VAL A 73 -13.27 -8.88 -3.56
C VAL A 73 -13.00 -10.37 -3.78
N LEU A 74 -12.45 -10.69 -4.95
CA LEU A 74 -11.98 -12.06 -5.23
C LEU A 74 -10.48 -12.06 -5.12
N THR A 75 -9.94 -12.96 -4.29
CA THR A 75 -8.48 -13.06 -4.19
C THR A 75 -8.00 -14.48 -4.56
N ASP A 76 -6.74 -14.57 -4.94
CA ASP A 76 -6.20 -15.79 -5.53
C ASP A 76 -6.09 -16.95 -4.54
N LEU A 77 -5.61 -16.67 -3.33
CA LEU A 77 -5.51 -17.70 -2.32
C LEU A 77 -5.43 -17.12 -0.88
N ILE A 78 -5.86 -17.92 0.09
CA ILE A 78 -5.72 -17.56 1.50
C ILE A 78 -4.23 -17.34 1.89
N GLY A 79 -3.94 -16.33 2.71
CA GLY A 79 -2.55 -16.14 3.16
C GLY A 79 -1.68 -15.50 2.11
N GLY A 80 -2.24 -15.21 0.93
CA GLY A 80 -1.58 -14.30 -0.02
C GLY A 80 -1.72 -12.85 0.43
N SER A 81 -0.91 -11.94 -0.12
CA SER A 81 -0.92 -10.54 0.30
C SER A 81 -2.23 -9.83 -0.10
N PRO A 82 -2.75 -10.05 -1.34
CA PRO A 82 -4.07 -9.46 -1.63
C PRO A 82 -5.12 -9.83 -0.59
N ASN A 83 -5.18 -11.12 -0.21
CA ASN A 83 -6.16 -11.50 0.80
C ASN A 83 -5.85 -10.89 2.17
N ASN A 84 -4.57 -10.85 2.57
CA ASN A 84 -4.20 -10.28 3.87
C ASN A 84 -4.63 -8.82 4.00
N VAL A 85 -4.34 -8.05 2.95
CA VAL A 85 -4.68 -6.65 2.86
C VAL A 85 -6.21 -6.43 2.88
N ALA A 86 -6.94 -7.19 2.06
CA ALA A 86 -8.39 -7.05 2.00
C ALA A 86 -9.03 -7.25 3.38
N LEU A 87 -8.64 -8.32 4.07
CA LEU A 87 -9.23 -8.66 5.34
C LEU A 87 -8.90 -7.59 6.41
N SER A 88 -7.65 -7.12 6.44
CA SER A 88 -7.29 -6.15 7.46
C SER A 88 -7.97 -4.81 7.20
N ARG A 89 -7.96 -4.37 5.93
CA ARG A 89 -8.49 -3.07 5.60
C ARG A 89 -10.01 -2.98 5.71
N PHE A 90 -10.71 -4.06 5.36
CA PHE A 90 -12.19 -4.04 5.32
C PHE A 90 -12.87 -5.03 6.25
N LEU A 91 -12.14 -5.43 7.31
CA LEU A 91 -12.57 -6.47 8.25
C LEU A 91 -14.04 -6.38 8.64
N ASN A 92 -14.47 -5.20 9.12
CA ASN A 92 -15.81 -5.03 9.64
C ASN A 92 -16.73 -4.23 8.73
N LEU A 93 -16.27 -3.90 7.51
CA LEU A 93 -17.17 -3.25 6.56
C LEU A 93 -18.07 -4.26 5.86
N ASP A 94 -19.33 -4.34 6.31
CA ASP A 94 -20.25 -5.34 5.81
C ASP A 94 -20.54 -5.24 4.30
N SER A 95 -20.38 -4.06 3.71
CA SER A 95 -20.63 -3.88 2.27
C SER A 95 -19.50 -4.53 1.41
N VAL A 96 -18.45 -5.01 2.05
CA VAL A 96 -17.34 -5.62 1.29
C VAL A 96 -17.22 -7.08 1.66
N ASP A 97 -17.44 -7.95 0.67
CA ASP A 97 -17.20 -9.36 0.86
C ASP A 97 -15.88 -9.80 0.27
N ILE A 98 -15.30 -10.86 0.83
CA ILE A 98 -14.01 -11.39 0.38
C ILE A 98 -14.13 -12.89 0.14
N VAL A 99 -13.95 -13.31 -1.12
CA VAL A 99 -13.98 -14.76 -1.45
C VAL A 99 -12.63 -15.10 -2.05
N THR A 100 -11.94 -16.06 -1.43
CA THR A 100 -10.61 -16.40 -1.91
C THR A 100 -10.61 -17.70 -2.75
N GLY A 101 -9.48 -18.02 -3.38
CA GLY A 101 -9.39 -19.25 -4.18
C GLY A 101 -10.30 -19.28 -5.39
N PHE A 102 -10.64 -18.10 -5.95
CA PHE A 102 -11.61 -18.02 -7.05
C PHE A 102 -11.20 -18.74 -8.32
N ASN A 103 -12.19 -19.11 -9.11
CA ASN A 103 -11.99 -19.73 -10.41
C ASN A 103 -12.83 -19.00 -11.46
N ILE A 104 -12.74 -19.41 -12.72
CA ILE A 104 -13.49 -18.71 -13.78
C ILE A 104 -15.01 -18.83 -13.53
N PRO A 105 -15.51 -20.02 -13.15
CA PRO A 105 -16.97 -20.11 -12.89
C PRO A 105 -17.52 -19.11 -11.85
N LEU A 106 -16.81 -18.90 -10.73
CA LEU A 106 -17.19 -17.85 -9.77
C LEU A 106 -17.21 -16.46 -10.42
N LEU A 107 -16.11 -16.08 -11.09
CA LEU A 107 -16.01 -14.74 -11.67
C LEU A 107 -17.12 -14.50 -12.69
N VAL A 108 -17.29 -15.44 -13.63
CA VAL A 108 -18.38 -15.36 -14.60
C VAL A 108 -19.76 -15.20 -13.97
N GLU A 109 -20.07 -16.01 -12.97
CA GLU A 109 -21.38 -15.95 -12.32
C GLU A 109 -21.60 -14.61 -11.60
N LEU A 110 -20.57 -14.13 -10.88
CA LEU A 110 -20.68 -12.83 -10.20
C LEU A 110 -20.86 -11.70 -11.20
N ILE A 111 -20.16 -11.75 -12.34
CA ILE A 111 -20.40 -10.67 -13.33
C ILE A 111 -21.83 -10.74 -13.90
N SER A 112 -22.27 -11.95 -14.26
CA SER A 112 -23.61 -12.14 -14.86
C SER A 112 -24.75 -11.71 -13.96
N SER A 113 -24.52 -11.74 -12.64
CA SER A 113 -25.57 -11.47 -11.67
C SER A 113 -25.38 -10.14 -10.92
N TYR A 114 -24.47 -9.28 -11.39
CA TYR A 114 -24.16 -8.09 -10.61
C TYR A 114 -25.21 -6.95 -10.63
N ASP A 115 -26.28 -7.15 -11.41
CA ASP A 115 -27.40 -6.20 -11.39
C ASP A 115 -28.61 -6.85 -10.76
N SER A 116 -28.39 -7.99 -10.14
CA SER A 116 -29.47 -8.79 -9.59
C SER A 116 -29.27 -9.02 -8.08
N LYS A 117 -30.35 -9.39 -7.41
CA LYS A 117 -30.26 -9.99 -6.08
C LYS A 117 -29.53 -11.32 -6.19
N ILE A 118 -28.67 -11.63 -5.24
CA ILE A 118 -28.00 -12.94 -5.27
C ILE A 118 -28.07 -13.67 -3.92
N ASN A 119 -27.85 -14.98 -3.96
CA ASN A 119 -27.52 -15.76 -2.78
C ASN A 119 -26.02 -16.12 -2.90
N LEU A 120 -25.17 -15.39 -2.18
CA LEU A 120 -23.72 -15.55 -2.28
C LEU A 120 -23.24 -16.91 -1.81
N GLU A 121 -23.88 -17.46 -0.77
CA GLU A 121 -23.50 -18.78 -0.27
C GLU A 121 -23.67 -19.81 -1.37
N GLU A 122 -24.80 -19.71 -2.08
CA GLU A 122 -25.12 -20.64 -3.14
C GLU A 122 -24.15 -20.48 -4.32
N ILE A 123 -23.83 -19.25 -4.66
CA ILE A 123 -22.86 -18.96 -5.72
C ILE A 123 -21.50 -19.55 -5.38
N VAL A 124 -21.04 -19.34 -4.15
CA VAL A 124 -19.77 -19.91 -3.68
C VAL A 124 -19.79 -21.46 -3.71
N HIS A 125 -20.84 -22.05 -3.15
CA HIS A 125 -21.04 -23.49 -3.16
C HIS A 125 -21.00 -24.03 -4.60
N ASN A 126 -21.70 -23.37 -5.52
CA ASN A 126 -21.69 -23.84 -6.91
C ASN A 126 -20.30 -23.70 -7.58
N ALA A 127 -19.56 -22.66 -7.22
CA ALA A 127 -18.21 -22.45 -7.74
C ALA A 127 -17.24 -23.52 -7.25
N GLN A 128 -17.36 -23.94 -5.98
CA GLN A 128 -16.60 -25.09 -5.46
C GLN A 128 -16.90 -26.36 -6.25
N ASN A 129 -18.17 -26.60 -6.54
CA ASN A 129 -18.59 -27.79 -7.27
C ASN A 129 -18.21 -27.73 -8.73
N SER A 130 -17.89 -26.53 -9.23
CA SER A 130 -17.39 -26.35 -10.61
C SER A 130 -15.92 -26.71 -10.82
N LEU A 131 -15.19 -26.91 -9.72
CA LEU A 131 -13.84 -27.44 -9.76
C LEU A 131 -13.92 -28.95 -9.54
N PHE A 132 -13.67 -29.74 -10.59
CA PHE A 132 -13.81 -31.18 -10.44
C PHE A 132 -13.06 -32.00 -11.48
N ASN A 133 -12.79 -33.26 -11.13
CA ASN A 133 -12.14 -34.19 -12.05
C ASN A 133 -13.19 -34.63 -13.06
N VAL A 134 -13.01 -34.26 -14.33
CA VAL A 134 -14.09 -34.49 -15.26
C VAL A 134 -14.35 -35.95 -15.67
N LYS A 135 -13.31 -36.79 -15.73
CA LYS A 135 -13.49 -38.21 -16.08
C LYS A 135 -14.17 -38.95 -14.93
N GLN A 136 -13.75 -38.65 -13.70
CA GLN A 136 -14.38 -39.21 -12.52
C GLN A 136 -15.86 -38.88 -12.47
N GLN A 137 -16.19 -37.63 -12.74
CA GLN A 137 -17.58 -37.19 -12.59
C GLN A 137 -18.45 -37.63 -13.75
N LEU A 138 -17.88 -37.71 -14.94
CA LEU A 138 -18.66 -38.10 -16.12
C LEU A 138 -18.68 -39.60 -16.27
N ASN A 139 -17.88 -40.28 -15.44
CA ASN A 139 -17.77 -41.75 -15.33
C ASN A 139 -17.10 -42.45 -16.53
N SER B 6 25.51 12.43 -8.58
CA SER B 6 24.51 13.38 -8.01
C SER B 6 23.08 12.96 -8.36
N PHE B 7 22.45 12.19 -7.45
CA PHE B 7 21.17 11.47 -7.66
C PHE B 7 19.90 12.32 -7.42
N ASN B 8 18.72 11.71 -7.58
CA ASN B 8 17.47 12.47 -7.55
C ASN B 8 16.99 12.93 -6.16
N ARG B 9 17.05 12.05 -5.17
CA ARG B 9 16.54 12.37 -3.82
C ARG B 9 17.18 11.53 -2.72
N GLY B 10 17.58 12.17 -1.62
CA GLY B 10 18.13 11.46 -0.45
C GLY B 10 17.19 11.50 0.74
N ILE B 11 17.44 10.66 1.74
CA ILE B 11 16.57 10.59 2.89
C ILE B 11 17.42 10.50 4.16
N LEU B 12 17.20 11.45 5.08
CA LEU B 12 17.80 11.37 6.40
C LEU B 12 16.72 11.02 7.40
N VAL B 13 16.94 9.93 8.14
CA VAL B 13 15.99 9.50 9.12
C VAL B 13 16.59 9.84 10.49
N ALA B 14 15.95 10.75 11.22
CA ALA B 14 16.45 11.24 12.52
C ALA B 14 15.44 11.07 13.64
N SER B 15 15.89 10.55 14.77
CA SER B 15 15.03 10.35 15.92
C SER B 15 15.77 10.59 17.24
N HIS B 16 15.00 10.58 18.32
CA HIS B 16 15.55 10.31 19.64
C HIS B 16 15.89 8.81 19.67
N GLY B 17 17.07 8.48 20.18
CA GLY B 17 17.49 7.11 20.33
C GLY B 17 17.50 6.31 19.04
N ASN B 18 16.98 5.10 19.13
CA ASN B 18 17.27 4.06 18.15
C ASN B 18 16.16 3.83 17.13
N PHE B 19 15.08 4.61 17.26
CA PHE B 19 13.91 4.47 16.41
C PHE B 19 14.33 4.50 14.96
N ALA B 20 15.11 5.51 14.59
CA ALA B 20 15.51 5.78 13.22
C ALA B 20 16.31 4.64 12.55
N SER B 21 17.27 4.09 13.27
CA SER B 21 18.09 3.00 12.73
C SER B 21 17.37 1.65 12.70
N GLY B 22 16.56 1.35 13.73
CA GLY B 22 15.71 0.16 13.69
C GLY B 22 14.71 0.22 12.54
N ALA B 23 14.21 1.43 12.24
CA ALA B 23 13.28 1.63 11.16
C ALA B 23 13.94 1.44 9.80
N LEU B 24 15.16 1.94 9.62
CA LEU B 24 15.84 1.72 8.33
C LEU B 24 16.09 0.23 8.15
N MET B 25 16.62 -0.40 9.19
CA MET B 25 16.84 -1.84 9.17
C MET B 25 15.61 -2.59 8.62
N THR B 26 14.46 -2.37 9.28
CA THR B 26 13.19 -2.98 8.90
C THR B 26 12.73 -2.63 7.49
N ALA B 27 12.87 -1.35 7.12
CA ALA B 27 12.52 -0.88 5.79
C ALA B 27 13.29 -1.63 4.70
N GLU B 28 14.56 -1.95 4.99
CA GLU B 28 15.47 -2.61 4.06
C GLU B 28 15.07 -4.06 3.75
N MET B 29 14.38 -4.70 4.69
CA MET B 29 13.75 -6.00 4.48
C MET B 29 12.62 -5.98 3.43
N PHE B 30 12.21 -4.77 3.01
CA PHE B 30 11.14 -4.59 2.04
C PHE B 30 11.67 -3.95 0.77
N VAL B 31 12.71 -3.14 0.89
CA VAL B 31 13.21 -2.37 -0.25
C VAL B 31 14.63 -2.74 -0.68
N GLY B 32 15.27 -3.60 0.10
CA GLY B 32 16.67 -3.93 -0.16
C GLY B 32 17.60 -2.98 0.58
N GLU B 33 18.81 -3.47 0.84
CA GLU B 33 19.82 -2.68 1.52
C GLU B 33 20.06 -1.35 0.82
N THR B 34 20.21 -0.30 1.60
CA THR B 34 20.54 1.01 1.05
C THR B 34 22.00 1.33 1.34
N THR B 35 22.54 2.26 0.55
CA THR B 35 23.86 2.80 0.79
C THR B 35 23.77 4.24 1.27
N ASN B 36 24.72 4.62 2.12
CA ASN B 36 24.61 5.90 2.82
C ASN B 36 24.92 7.14 1.96
N ASP B 37 24.95 6.98 0.64
CA ASP B 37 24.98 8.15 -0.23
C ASP B 37 23.56 8.53 -0.64
N ARG B 38 22.60 7.66 -0.31
CA ARG B 38 21.19 7.92 -0.58
C ARG B 38 20.39 8.10 0.71
N VAL B 39 20.66 7.24 1.69
CA VAL B 39 19.87 7.15 2.91
C VAL B 39 20.76 7.01 4.14
N ARG B 40 20.59 7.90 5.12
CA ARG B 40 21.29 7.78 6.41
C ARG B 40 20.35 7.88 7.61
N THR B 41 20.81 7.37 8.76
CA THR B 41 20.11 7.61 10.01
C THR B 41 20.96 8.41 11.01
N LEU B 42 20.32 8.85 12.09
CA LEU B 42 20.95 9.64 13.15
C LEU B 42 20.07 9.55 14.39
N GLY B 43 20.64 9.11 15.51
CA GLY B 43 19.91 9.02 16.77
C GLY B 43 20.48 9.97 17.82
N LEU B 44 19.59 10.67 18.54
CA LEU B 44 19.97 11.44 19.73
C LEU B 44 19.85 10.57 20.98
N MET B 45 21.00 10.11 21.44
CA MET B 45 21.08 9.14 22.54
C MET B 45 20.88 9.84 23.89
N PRO B 46 20.38 9.11 24.89
CA PRO B 46 20.26 9.63 26.26
C PRO B 46 21.60 10.18 26.76
N GLY B 47 21.58 11.44 27.17
CA GLY B 47 22.76 12.10 27.72
C GLY B 47 23.63 12.81 26.69
N GLU B 48 23.29 12.69 25.41
CA GLU B 48 24.11 13.31 24.38
C GLU B 48 23.89 14.82 24.30
N ASN B 49 24.97 15.54 24.03
CA ASN B 49 24.95 17.00 23.90
C ASN B 49 24.12 17.42 22.70
N ILE B 50 23.10 18.26 22.91
CA ILE B 50 22.21 18.70 21.83
C ILE B 50 22.91 19.61 20.82
N VAL B 51 23.83 20.45 21.29
CA VAL B 51 24.57 21.37 20.42
C VAL B 51 25.46 20.56 19.47
N GLU B 52 26.06 19.50 20.01
CA GLU B 52 26.83 18.51 19.23
C GLU B 52 25.95 17.86 18.17
N PHE B 53 24.84 17.30 18.62
CA PHE B 53 23.85 16.69 17.76
C PHE B 53 23.46 17.59 16.58
N GLU B 54 23.11 18.84 16.88
CA GLU B 54 22.64 19.79 15.87
C GLU B 54 23.62 20.02 14.73
N HIS B 55 24.87 20.23 15.10
CA HIS B 55 25.96 20.45 14.16
C HIS B 55 26.21 19.19 13.31
N TYR B 56 26.14 18.02 13.96
CA TYR B 56 26.23 16.72 13.28
C TYR B 56 25.02 16.51 12.36
N PHE B 57 23.84 16.89 12.83
CA PHE B 57 22.60 16.85 12.03
C PHE B 57 22.69 17.66 10.75
N LYS B 58 23.08 18.93 10.88
CA LYS B 58 23.20 19.86 9.75
C LYS B 58 24.18 19.28 8.73
N ASN B 59 25.27 18.72 9.23
CA ASN B 59 26.30 18.15 8.39
C ASN B 59 25.78 16.95 7.59
N GLN B 60 25.06 16.04 8.25
CA GLN B 60 24.45 14.88 7.57
C GLN B 60 23.57 15.28 6.37
N VAL B 61 22.78 16.34 6.54
CA VAL B 61 21.89 16.82 5.47
C VAL B 61 22.70 17.41 4.31
N ASP B 62 23.60 18.34 4.64
CA ASP B 62 24.47 18.98 3.64
C ASP B 62 25.23 17.94 2.81
N GLU B 63 25.66 16.86 3.44
CA GLU B 63 26.39 15.77 2.78
C GLU B 63 25.51 15.02 1.79
N LEU B 64 24.33 14.59 2.25
CA LEU B 64 23.32 13.97 1.38
C LEU B 64 22.92 14.91 0.25
N LEU B 65 22.99 16.21 0.51
CA LEU B 65 22.73 17.23 -0.52
C LEU B 65 23.81 17.33 -1.60
N ASP B 66 25.00 16.81 -1.32
CA ASP B 66 26.05 16.68 -2.35
C ASP B 66 25.72 15.54 -3.31
N SER B 67 25.22 14.43 -2.75
CA SER B 67 24.88 13.25 -3.53
C SER B 67 23.50 13.36 -4.18
N ASN B 68 22.61 14.17 -3.61
CA ASN B 68 21.23 14.23 -4.11
C ASN B 68 20.75 15.65 -4.30
N GLN B 69 19.94 15.85 -5.33
CA GLN B 69 19.37 17.16 -5.64
C GLN B 69 18.36 17.65 -4.60
N GLU B 70 17.68 16.70 -3.95
CA GLU B 70 16.74 17.01 -2.88
C GLU B 70 16.92 16.02 -1.75
N VAL B 71 16.62 16.46 -0.54
CA VAL B 71 16.61 15.58 0.63
C VAL B 71 15.26 15.71 1.36
N ILE B 72 14.79 14.60 1.91
CA ILE B 72 13.62 14.60 2.79
C ILE B 72 14.11 14.12 4.13
N VAL B 73 13.91 14.95 5.15
CA VAL B 73 14.22 14.55 6.52
C VAL B 73 12.96 13.99 7.13
N LEU B 74 13.06 12.83 7.75
CA LEU B 74 11.97 12.25 8.48
C LEU B 74 12.34 12.38 9.93
N THR B 75 11.44 12.94 10.75
CA THR B 75 11.69 13.03 12.22
C THR B 75 10.68 12.22 13.00
N ASP B 76 11.04 11.82 14.23
CA ASP B 76 10.16 10.96 15.01
C ASP B 76 8.86 11.61 15.49
N LEU B 77 8.92 12.90 15.85
CA LEU B 77 7.75 13.63 16.40
C LEU B 77 7.93 15.16 16.44
N ILE B 78 6.82 15.87 16.29
CA ILE B 78 6.83 17.31 16.40
C ILE B 78 7.26 17.71 17.82
N GLY B 79 8.09 18.74 17.93
CA GLY B 79 8.62 19.17 19.24
C GLY B 79 9.85 18.40 19.68
N GLY B 80 10.21 17.37 18.91
CA GLY B 80 11.38 16.56 19.20
C GLY B 80 12.61 17.24 18.69
N SER B 81 13.73 16.92 19.32
CA SER B 81 14.98 17.59 18.99
C SER B 81 15.31 17.42 17.55
N PRO B 82 15.14 16.19 17.00
CA PRO B 82 15.39 16.10 15.56
C PRO B 82 14.47 17.02 14.76
N ASN B 83 13.18 17.05 15.06
CA ASN B 83 12.30 17.99 14.31
C ASN B 83 12.64 19.47 14.56
N ASN B 84 12.93 19.81 15.83
CA ASN B 84 13.40 21.17 16.17
C ASN B 84 14.57 21.69 15.32
N VAL B 85 15.63 20.87 15.19
CA VAL B 85 16.80 21.31 14.41
C VAL B 85 16.51 21.36 12.94
N ALA B 86 15.72 20.39 12.46
CA ALA B 86 15.40 20.31 11.04
C ALA B 86 14.80 21.62 10.59
N LEU B 87 13.76 22.07 11.30
CA LEU B 87 13.09 23.33 10.92
C LEU B 87 14.00 24.55 11.12
N SER B 88 14.71 24.60 12.24
CA SER B 88 15.63 25.72 12.52
C SER B 88 16.64 25.93 11.40
N ARG B 89 17.27 24.82 10.97
CA ARG B 89 18.35 24.89 10.01
C ARG B 89 17.93 24.90 8.55
N PHE B 90 16.78 24.31 8.21
CA PHE B 90 16.41 24.19 6.80
C PHE B 90 15.04 24.75 6.47
N LEU B 91 14.54 25.60 7.36
CA LEU B 91 13.29 26.30 7.15
C LEU B 91 13.15 26.81 5.73
N ASN B 92 14.19 27.48 5.22
CA ASN B 92 14.04 28.20 3.95
C ASN B 92 14.70 27.56 2.74
N LEU B 93 15.38 26.45 2.94
CA LEU B 93 15.99 25.71 1.83
C LEU B 93 14.95 24.79 1.18
N ASP B 94 14.48 25.19 0.00
CA ASP B 94 13.45 24.46 -0.75
C ASP B 94 13.79 23.02 -1.08
N SER B 95 15.09 22.72 -1.22
CA SER B 95 15.51 21.37 -1.57
C SER B 95 15.40 20.37 -0.42
N VAL B 96 15.05 20.87 0.77
CA VAL B 96 14.88 20.00 1.94
C VAL B 96 13.39 19.97 2.35
N ASP B 97 12.84 18.77 2.46
CA ASP B 97 11.50 18.59 3.01
C ASP B 97 11.60 17.95 4.40
N ILE B 98 10.56 18.16 5.21
CA ILE B 98 10.54 17.58 6.54
C ILE B 98 9.17 17.00 6.80
N VAL B 99 9.13 15.73 7.21
CA VAL B 99 7.90 15.06 7.59
C VAL B 99 8.15 14.42 8.93
N THR B 100 7.25 14.65 9.87
CA THR B 100 7.48 14.13 11.20
C THR B 100 6.45 13.08 11.47
N GLY B 101 6.60 12.40 12.61
CA GLY B 101 5.66 11.36 13.01
C GLY B 101 5.81 10.08 12.16
N PHE B 102 6.97 9.92 11.53
CA PHE B 102 7.14 8.83 10.55
C PHE B 102 6.88 7.42 11.09
N ASN B 103 6.45 6.56 10.15
CA ASN B 103 6.29 5.14 10.40
C ASN B 103 6.95 4.29 9.29
N ILE B 104 6.86 2.98 9.40
CA ILE B 104 7.50 2.11 8.36
C ILE B 104 6.92 2.34 6.95
N PRO B 105 5.58 2.34 6.84
CA PRO B 105 5.00 2.63 5.51
C PRO B 105 5.54 3.86 4.83
N LEU B 106 5.62 5.00 5.54
CA LEU B 106 6.17 6.22 4.94
C LEU B 106 7.63 6.06 4.51
N LEU B 107 8.44 5.46 5.35
CA LEU B 107 9.85 5.25 4.98
C LEU B 107 10.04 4.28 3.75
N VAL B 108 9.38 3.13 3.79
CA VAL B 108 9.41 2.17 2.65
C VAL B 108 9.03 2.88 1.35
N GLU B 109 7.88 3.54 1.40
CA GLU B 109 7.41 4.30 0.25
C GLU B 109 8.40 5.33 -0.25
N LEU B 110 9.05 6.03 0.68
CA LEU B 110 9.93 7.12 0.27
C LEU B 110 11.24 6.59 -0.35
N ILE B 111 11.73 5.47 0.18
CA ILE B 111 12.89 4.82 -0.42
C ILE B 111 12.53 4.28 -1.81
N SER B 112 11.47 3.47 -1.88
CA SER B 112 10.98 2.91 -3.14
C SER B 112 10.82 3.93 -4.26
N SER B 113 10.59 5.20 -3.91
CA SER B 113 10.33 6.22 -4.93
C SER B 113 11.42 7.28 -5.11
N TYR B 114 12.58 7.09 -4.49
CA TYR B 114 13.60 8.16 -4.46
C TYR B 114 14.38 8.47 -5.75
N ASP B 115 14.15 7.68 -6.80
CA ASP B 115 14.73 7.97 -8.11
C ASP B 115 13.69 8.60 -9.01
N SER B 116 12.47 8.73 -8.51
CA SER B 116 11.39 9.25 -9.32
C SER B 116 10.83 10.53 -8.74
N LYS B 117 10.02 11.25 -9.52
CA LYS B 117 9.30 12.41 -9.02
C LYS B 117 8.11 11.91 -8.21
N ILE B 118 7.83 12.60 -7.11
CA ILE B 118 6.76 12.19 -6.22
C ILE B 118 5.73 13.28 -6.00
N ASN B 119 4.61 12.90 -5.41
CA ASN B 119 3.63 13.85 -4.90
C ASN B 119 3.62 13.72 -3.36
N LEU B 120 4.42 14.55 -2.67
CA LEU B 120 4.63 14.35 -1.23
C LEU B 120 3.33 14.34 -0.41
N GLU B 121 2.41 15.25 -0.76
CA GLU B 121 1.11 15.39 -0.11
C GLU B 121 0.33 14.08 -0.17
N GLU B 122 0.36 13.44 -1.34
CA GLU B 122 -0.32 12.15 -1.52
C GLU B 122 0.35 11.02 -0.75
N ILE B 123 1.68 11.02 -0.71
CA ILE B 123 2.45 10.02 0.05
C ILE B 123 2.16 10.16 1.55
N VAL B 124 2.08 11.40 2.03
CA VAL B 124 1.79 11.64 3.45
C VAL B 124 0.37 11.19 3.82
N HIS B 125 -0.60 11.50 2.96
CA HIS B 125 -2.01 11.04 3.10
C HIS B 125 -2.12 9.51 3.20
N ASN B 126 -1.47 8.81 2.28
CA ASN B 126 -1.36 7.34 2.33
C ASN B 126 -0.67 6.85 3.60
N ALA B 127 0.43 7.50 4.00
CA ALA B 127 1.11 7.10 5.27
C ALA B 127 0.22 7.30 6.48
N GLN B 128 -0.56 8.39 6.48
CA GLN B 128 -1.52 8.62 7.59
C GLN B 128 -2.59 7.54 7.63
N ASN B 129 -3.14 7.20 6.46
CA ASN B 129 -4.15 6.14 6.33
C ASN B 129 -3.59 4.74 6.58
N SER B 130 -2.28 4.57 6.46
CA SER B 130 -1.64 3.28 6.75
C SER B 130 -1.54 2.99 8.25
N LEU B 131 -1.82 4.00 9.09
CA LEU B 131 -1.88 3.81 10.53
C LEU B 131 -3.35 3.76 10.92
N PHE B 132 -3.83 2.59 11.32
CA PHE B 132 -5.26 2.43 11.56
C PHE B 132 -5.57 1.29 12.50
N ASN B 133 -6.75 1.39 13.09
CA ASN B 133 -7.22 0.41 14.03
C ASN B 133 -7.79 -0.74 13.23
N VAL B 134 -7.17 -1.92 13.32
CA VAL B 134 -7.56 -3.02 12.46
C VAL B 134 -8.94 -3.55 12.77
N LYS B 135 -9.31 -3.56 14.05
CA LYS B 135 -10.68 -3.97 14.43
C LYS B 135 -11.72 -2.85 14.45
N GLN B 136 -11.39 -1.71 13.85
CA GLN B 136 -12.32 -0.57 13.71
C GLN B 136 -13.70 -0.98 13.18
N GLN B 137 -14.76 -0.32 13.67
CA GLN B 137 -16.10 -0.44 13.06
C GLN B 137 -16.18 0.38 11.76
N LEU B 138 -17.03 -0.06 10.85
CA LEU B 138 -16.99 0.39 9.45
C LEU B 138 -18.34 0.03 8.79
#